data_6LX5
#
_entry.id   6LX5
#
_cell.length_a   60.585
_cell.length_b   101.350
_cell.length_c   61.745
_cell.angle_alpha   90.000
_cell.angle_beta   100.730
_cell.angle_gamma   90.000
#
_symmetry.space_group_name_H-M   'P 1 21 1'
#
loop_
_entity.id
_entity.type
_entity.pdbx_description
1 polymer 'Peroxisome proliferator-activated receptor alpha'
2 non-polymer GLYCEROL
3 non-polymer '2-{4-[(1S)-2,2-dichlorocyclopropyl]phenoxy}-2-methylpropanoic acid'
4 water water
#
_entity_poly.entity_id   1
_entity_poly.type   'polypeptide(L)'
_entity_poly.pdbx_seq_one_letter_code
;GSHMTADLKSLAKRIYEAYLKNFNMNKVKARVILSGKASNNPPFVIHDMETLCMAEKTLVAKLVANGIQNKEAEVRIFHC
CQCTSVETVTELTEFAKAIPGFANLDLNDQVTLLKYGVYEAIFAMLSSVMNKDGMLVAYGNGFITREFLKSLRKPFCDIM
EPKFDFAMKFNALELDDSDISLFVAAIICCGDRPGLLNVGHIEKMQEGIVHVLRLHLQSNHPDDIFLFPKLLQKMADLRQ
LVTEHAQLVQIIKKTESDAALHPLLQEIYRDMY
;
_entity_poly.pdbx_strand_id   A,B
#
# COMPACT_ATOMS: atom_id res chain seq x y z
N GLY A 1 22.62 -0.87 4.96
CA GLY A 1 22.27 -1.91 4.00
C GLY A 1 20.79 -2.27 4.03
N SER A 2 20.47 -3.52 3.66
CA SER A 2 19.10 -4.00 3.64
C SER A 2 18.90 -5.24 4.51
N HIS A 3 19.86 -5.57 5.37
CA HIS A 3 19.72 -6.67 6.32
C HIS A 3 19.89 -6.13 7.74
N MET A 4 19.17 -6.74 8.67
CA MET A 4 19.14 -6.27 10.06
C MET A 4 20.32 -6.87 10.81
N THR A 5 21.34 -6.06 11.04
CA THR A 5 22.46 -6.47 11.88
C THR A 5 22.05 -6.42 13.36
N ALA A 6 22.94 -6.94 14.21
CA ALA A 6 22.60 -7.12 15.61
C ALA A 6 22.32 -5.79 16.30
N ASP A 7 23.07 -4.74 15.96
CA ASP A 7 22.85 -3.44 16.59
C ASP A 7 21.48 -2.88 16.22
N LEU A 8 21.03 -3.10 14.98
CA LEU A 8 19.71 -2.62 14.59
C LEU A 8 18.60 -3.42 15.27
N LYS A 9 18.74 -4.74 15.30
CA LYS A 9 17.73 -5.57 15.98
C LYS A 9 17.64 -5.20 17.45
N SER A 10 18.78 -4.92 18.08
CA SER A 10 18.77 -4.49 19.47
C SER A 10 18.09 -3.14 19.63
N LEU A 11 18.38 -2.20 18.72
CA LEU A 11 17.73 -0.90 18.77
C LEU A 11 16.21 -1.04 18.68
N ALA A 12 15.73 -1.86 17.75
CA ALA A 12 14.30 -2.05 17.59
C ALA A 12 13.69 -2.63 18.86
N LYS A 13 14.38 -3.57 19.51
CA LYS A 13 13.84 -4.17 20.73
C LYS A 13 13.86 -3.17 21.88
N ARG A 14 14.90 -2.34 21.96
CA ARG A 14 14.97 -1.32 23.00
C ARG A 14 13.81 -0.33 22.88
N ILE A 15 13.49 0.09 21.65
CA ILE A 15 12.39 1.03 21.45
C ILE A 15 11.06 0.36 21.79
N TYR A 16 10.90 -0.89 21.37
CA TYR A 16 9.67 -1.62 21.68
C TYR A 16 9.47 -1.77 23.17
N GLU A 17 10.53 -2.13 23.89
CA GLU A 17 10.41 -2.32 25.34
C GLU A 17 10.14 -1.01 26.07
N ALA A 18 10.75 0.09 25.62
CA ALA A 18 10.45 1.39 26.20
C ALA A 18 9.00 1.77 25.95
N TYR A 19 8.49 1.43 24.77
CA TYR A 19 7.09 1.69 24.46
C TYR A 19 6.16 0.90 25.37
N LEU A 20 6.46 -0.39 25.58
CA LEU A 20 5.63 -1.19 26.47
C LEU A 20 5.75 -0.72 27.91
N LYS A 21 6.94 -0.25 28.30
CA LYS A 21 7.15 0.18 29.68
C LYS A 21 6.42 1.49 29.98
N ASN A 22 6.33 2.39 29.00
CA ASN A 22 5.87 3.74 29.28
C ASN A 22 4.40 4.00 28.97
N PHE A 23 3.79 3.23 28.08
CA PHE A 23 2.38 3.45 27.71
C PHE A 23 1.55 2.30 28.26
N ASN A 24 0.74 2.59 29.27
CA ASN A 24 -0.04 1.54 29.93
C ASN A 24 -0.96 0.83 28.95
N MET A 25 -1.62 1.57 28.07
CA MET A 25 -2.53 0.99 27.09
C MET A 25 -1.77 0.77 25.79
N ASN A 26 -1.45 -0.49 25.50
CA ASN A 26 -0.87 -0.88 24.22
C ASN A 26 -1.94 -1.53 23.35
N LYS A 27 -1.59 -1.74 22.08
CA LYS A 27 -2.60 -2.19 21.12
C LYS A 27 -3.11 -3.58 21.46
N VAL A 28 -2.23 -4.49 21.89
CA VAL A 28 -2.67 -5.84 22.22
C VAL A 28 -3.76 -5.79 23.29
N LYS A 29 -3.52 -5.03 24.36
CA LYS A 29 -4.52 -4.91 25.42
C LYS A 29 -5.78 -4.25 24.90
N ALA A 30 -5.64 -3.17 24.11
CA ALA A 30 -6.82 -2.45 23.64
C ALA A 30 -7.71 -3.34 22.77
N ARG A 31 -7.11 -4.10 21.85
CA ARG A 31 -7.92 -4.87 20.93
C ARG A 31 -8.62 -6.03 21.63
N VAL A 32 -8.02 -6.58 22.69
CA VAL A 32 -8.71 -7.64 23.43
C VAL A 32 -9.91 -7.09 24.17
N ILE A 33 -9.78 -5.89 24.75
CA ILE A 33 -10.93 -5.22 25.33
C ILE A 33 -11.99 -4.99 24.27
N LEU A 34 -11.60 -4.36 23.17
CA LEU A 34 -12.56 -4.05 22.11
C LEU A 34 -13.16 -5.30 21.50
N SER A 35 -12.44 -6.43 21.55
CA SER A 35 -12.95 -7.66 20.95
C SER A 35 -13.92 -8.39 21.88
N GLY A 36 -13.68 -8.33 23.19
CA GLY A 36 -14.56 -8.98 24.14
C GLY A 36 -14.46 -10.48 24.17
N LYS A 37 -13.29 -11.04 23.87
CA LYS A 37 -13.07 -12.47 23.90
C LYS A 37 -12.34 -12.94 25.16
N ALA A 38 -11.73 -12.04 25.91
CA ALA A 38 -11.06 -12.38 27.16
C ALA A 38 -11.89 -12.07 28.39
N SER A 39 -13.13 -11.58 28.21
CA SER A 39 -13.96 -11.20 29.34
C SER A 39 -15.34 -10.82 28.84
N ASN A 40 -16.37 -11.22 29.58
CA ASN A 40 -17.75 -10.85 29.28
C ASN A 40 -18.20 -9.63 30.08
N ASN A 41 -17.25 -8.87 30.64
CA ASN A 41 -17.53 -7.65 31.38
C ASN A 41 -17.00 -6.48 30.56
N PRO A 42 -17.79 -5.93 29.65
CA PRO A 42 -17.28 -4.90 28.74
C PRO A 42 -17.11 -3.58 29.45
N PRO A 43 -16.44 -2.62 28.82
CA PRO A 43 -16.36 -1.27 29.39
C PRO A 43 -17.74 -0.64 29.47
N PHE A 44 -17.89 0.28 30.42
CA PHE A 44 -19.10 1.09 30.47
C PHE A 44 -19.18 1.97 29.24
N VAL A 45 -20.32 1.96 28.57
CA VAL A 45 -20.49 2.66 27.30
C VAL A 45 -21.13 4.01 27.56
N ILE A 46 -20.46 5.07 27.13
CA ILE A 46 -21.00 6.43 27.21
C ILE A 46 -21.50 6.78 25.82
N HIS A 47 -22.82 6.74 25.64
CA HIS A 47 -23.44 6.95 24.34
C HIS A 47 -24.43 8.11 24.31
N ASP A 48 -24.71 8.73 25.45
CA ASP A 48 -25.64 9.85 25.51
C ASP A 48 -25.41 10.60 26.81
N MET A 49 -26.15 11.71 26.99
CA MET A 49 -25.96 12.55 28.16
C MET A 49 -26.19 11.80 29.45
N GLU A 50 -27.16 10.87 29.46
CA GLU A 50 -27.48 10.16 30.70
C GLU A 50 -26.33 9.26 31.14
N THR A 51 -25.78 8.47 30.22
CA THR A 51 -24.67 7.60 30.57
C THR A 51 -23.40 8.39 30.86
N LEU A 52 -23.22 9.55 30.20
CA LEU A 52 -22.12 10.43 30.56
C LEU A 52 -22.20 10.82 32.04
N CYS A 53 -23.35 11.36 32.46
CA CYS A 53 -23.51 11.78 33.84
C CYS A 53 -23.41 10.59 34.79
N MET A 54 -23.84 9.40 34.35
CA MET A 54 -23.62 8.20 35.16
C MET A 54 -22.13 7.97 35.37
N ALA A 55 -21.36 7.94 34.26
CA ALA A 55 -19.93 7.76 34.38
C ALA A 55 -19.30 8.82 35.27
N GLU A 56 -19.80 10.06 35.19
CA GLU A 56 -19.21 11.15 35.95
C GLU A 56 -19.47 11.05 37.45
N LYS A 57 -20.44 10.22 37.86
CA LYS A 57 -20.59 9.94 39.29
C LYS A 57 -19.36 9.27 39.85
N THR A 58 -18.69 8.45 39.04
CA THR A 58 -17.45 7.82 39.47
C THR A 58 -16.31 8.83 39.54
N LEU A 59 -16.37 9.87 38.73
CA LEU A 59 -15.30 10.84 38.58
C LEU A 59 -15.49 12.09 39.44
N VAL A 60 -16.47 12.07 40.36
CA VAL A 60 -16.91 13.30 41.00
C VAL A 60 -15.76 13.96 41.76
N ALA A 61 -14.94 13.16 42.45
CA ALA A 61 -13.84 13.73 43.22
C ALA A 61 -12.88 14.50 42.32
N LYS A 62 -12.53 13.92 41.17
CA LYS A 62 -11.61 14.60 40.25
C LYS A 62 -12.25 15.85 39.65
N LEU A 63 -13.53 15.75 39.25
CA LEU A 63 -14.20 16.91 38.69
C LEU A 63 -14.35 18.03 39.72
N VAL A 64 -14.69 17.68 40.96
CA VAL A 64 -14.82 18.69 42.01
C VAL A 64 -13.46 19.32 42.30
N ALA A 65 -12.43 18.49 42.43
CA ALA A 65 -11.10 19.01 42.74
C ALA A 65 -10.56 19.92 41.65
N ASN A 66 -11.04 19.75 40.41
CA ASN A 66 -10.64 20.57 39.30
C ASN A 66 -11.63 21.69 38.99
N GLY A 67 -12.71 21.80 39.77
CA GLY A 67 -13.71 22.81 39.54
C GLY A 67 -14.47 22.67 38.24
N ILE A 68 -14.71 21.42 37.80
CA ILE A 68 -15.31 21.16 36.50
C ILE A 68 -16.72 20.59 36.60
N GLN A 69 -17.17 20.20 37.81
CA GLN A 69 -18.39 19.41 37.93
C GLN A 69 -19.60 20.14 37.34
N ASN A 70 -19.64 21.47 37.48
CA ASN A 70 -20.78 22.25 37.02
C ASN A 70 -20.59 22.83 35.62
N LYS A 71 -19.44 22.61 35.00
CA LYS A 71 -19.24 23.10 33.65
C LYS A 71 -20.15 22.35 32.66
N GLU A 72 -20.32 22.95 31.49
CA GLU A 72 -21.11 22.33 30.44
C GLU A 72 -20.56 20.95 30.12
N ALA A 73 -21.46 20.05 29.70
CA ALA A 73 -21.07 18.67 29.43
C ALA A 73 -19.88 18.60 28.48
N GLU A 74 -19.95 19.33 27.37
CA GLU A 74 -18.85 19.32 26.40
C GLU A 74 -17.54 19.71 27.07
N VAL A 75 -17.56 20.72 27.94
CA VAL A 75 -16.33 21.14 28.62
C VAL A 75 -15.85 20.06 29.58
N ARG A 76 -16.78 19.40 30.27
CA ARG A 76 -16.39 18.33 31.18
C ARG A 76 -15.70 17.19 30.45
N ILE A 77 -16.25 16.80 29.29
CA ILE A 77 -15.68 15.71 28.52
C ILE A 77 -14.24 16.03 28.13
N PHE A 78 -14.04 17.19 27.51
CA PHE A 78 -12.71 17.48 26.98
C PHE A 78 -11.75 18.00 28.04
N HIS A 79 -12.22 18.34 29.23
CA HIS A 79 -11.30 18.49 30.35
C HIS A 79 -10.66 17.16 30.70
N CYS A 80 -11.47 16.10 30.79
CA CYS A 80 -10.93 14.78 31.06
C CYS A 80 -10.05 14.30 29.91
N CYS A 81 -10.44 14.58 28.66
CA CYS A 81 -9.61 14.20 27.53
C CYS A 81 -8.29 14.95 27.55
N GLN A 82 -8.30 16.22 27.97
CA GLN A 82 -7.05 16.95 28.11
C GLN A 82 -6.14 16.29 29.15
N CYS A 83 -6.71 15.91 30.29
CA CYS A 83 -5.91 15.25 31.33
C CYS A 83 -5.27 13.98 30.79
N THR A 84 -5.95 13.26 29.89
CA THR A 84 -5.37 12.07 29.29
C THR A 84 -4.21 12.44 28.36
N SER A 85 -4.39 13.48 27.55
CA SER A 85 -3.28 13.95 26.71
C SER A 85 -2.08 14.33 27.56
N VAL A 86 -2.31 15.01 28.69
CA VAL A 86 -1.21 15.41 29.56
C VAL A 86 -0.44 14.18 30.05
N GLU A 87 -1.16 13.12 30.41
N GLU A 87 -1.16 13.11 30.39
CA GLU A 87 -0.49 11.90 30.82
CA GLU A 87 -0.49 11.90 30.82
C GLU A 87 0.35 11.32 29.69
C GLU A 87 0.34 11.30 29.70
N THR A 88 -0.20 11.30 28.48
CA THR A 88 0.52 10.72 27.35
C THR A 88 1.74 11.56 26.98
N VAL A 89 1.63 12.89 27.10
CA VAL A 89 2.82 13.74 26.91
C VAL A 89 3.91 13.36 27.89
N THR A 90 3.54 13.17 29.17
CA THR A 90 4.52 12.75 30.16
C THR A 90 5.15 11.42 29.79
N GLU A 91 4.35 10.47 29.33
CA GLU A 91 4.87 9.17 28.95
C GLU A 91 5.77 9.27 27.72
N LEU A 92 5.37 10.08 26.74
CA LEU A 92 6.20 10.28 25.55
C LEU A 92 7.53 10.93 25.91
N THR A 93 7.52 11.84 26.87
CA THR A 93 8.76 12.48 27.29
C THR A 93 9.73 11.47 27.86
N GLU A 94 9.23 10.52 28.66
N GLU A 94 9.23 10.54 28.68
CA GLU A 94 10.10 9.48 29.18
CA GLU A 94 10.08 9.46 29.19
C GLU A 94 10.48 8.48 28.07
C GLU A 94 10.49 8.51 28.06
N PHE A 95 9.54 8.16 27.19
CA PHE A 95 9.84 7.26 26.08
C PHE A 95 10.98 7.80 25.22
N ALA A 96 10.97 9.10 24.94
CA ALA A 96 11.98 9.67 24.05
C ALA A 96 13.40 9.45 24.56
N LYS A 97 13.58 9.29 25.87
CA LYS A 97 14.92 9.03 26.41
C LYS A 97 15.52 7.74 25.88
N ALA A 98 14.69 6.80 25.42
CA ALA A 98 15.18 5.54 24.91
C ALA A 98 15.60 5.63 23.44
N ILE A 99 15.32 6.74 22.77
CA ILE A 99 15.75 6.94 21.40
C ILE A 99 17.23 7.30 21.40
N PRO A 100 18.10 6.44 20.88
CA PRO A 100 19.54 6.76 20.88
C PRO A 100 19.83 8.13 20.29
N GLY A 101 20.50 8.97 21.08
CA GLY A 101 20.86 10.31 20.67
C GLY A 101 19.95 11.41 21.19
N PHE A 102 18.72 11.08 21.56
CA PHE A 102 17.77 12.12 21.95
C PHE A 102 18.25 12.86 23.20
N ALA A 103 18.62 12.13 24.25
CA ALA A 103 19.07 12.77 25.48
C ALA A 103 20.36 13.55 25.28
N ASN A 104 21.12 13.26 24.23
CA ASN A 104 22.35 13.99 23.95
C ASN A 104 22.10 15.32 23.25
N LEU A 105 20.88 15.57 22.77
CA LEU A 105 20.60 16.81 22.08
C LEU A 105 20.57 17.99 23.04
N ASP A 106 20.81 19.18 22.49
CA ASP A 106 20.54 20.41 23.22
C ASP A 106 19.16 20.33 23.84
N LEU A 107 19.04 20.82 25.09
CA LEU A 107 17.77 20.73 25.78
C LEU A 107 16.66 21.46 25.01
N ASN A 108 17.02 22.57 24.36
CA ASN A 108 16.04 23.31 23.56
C ASN A 108 15.52 22.47 22.39
N ASP A 109 16.40 21.68 21.78
CA ASP A 109 15.98 20.84 20.67
C ASP A 109 15.10 19.68 21.15
N GLN A 110 15.42 19.10 22.31
CA GLN A 110 14.54 18.11 22.90
C GLN A 110 13.15 18.69 23.13
N VAL A 111 13.08 19.91 23.67
CA VAL A 111 11.79 20.55 23.91
C VAL A 111 11.06 20.79 22.59
N THR A 112 11.79 21.24 21.57
CA THR A 112 11.16 21.50 20.28
C THR A 112 10.63 20.22 19.65
N LEU A 113 11.44 19.16 19.65
CA LEU A 113 10.99 17.89 19.07
C LEU A 113 9.73 17.39 19.76
N LEU A 114 9.68 17.47 21.10
CA LEU A 114 8.50 16.99 21.81
C LEU A 114 7.32 17.93 21.62
N LYS A 115 7.58 19.24 21.57
CA LYS A 115 6.51 20.21 21.34
C LYS A 115 5.70 19.87 20.09
N TYR A 116 6.39 19.66 18.96
CA TYR A 116 5.70 19.38 17.71
C TYR A 116 5.36 17.91 17.51
N GLY A 117 6.05 17.01 18.20
CA GLY A 117 5.85 15.60 17.94
C GLY A 117 4.78 14.92 18.75
N VAL A 118 4.50 15.41 19.97
CA VAL A 118 3.70 14.63 20.90
C VAL A 118 2.30 14.39 20.37
N TYR A 119 1.69 15.39 19.73
CA TYR A 119 0.32 15.20 19.30
C TYR A 119 0.22 14.36 18.03
N GLU A 120 1.26 14.37 17.18
CA GLU A 120 1.29 13.41 16.09
C GLU A 120 1.37 11.99 16.63
N ALA A 121 2.21 11.78 17.65
CA ALA A 121 2.29 10.49 18.30
C ALA A 121 0.99 10.15 19.01
N ILE A 122 0.38 11.13 19.68
CA ILE A 122 -0.85 10.88 20.44
C ILE A 122 -1.96 10.38 19.51
N PHE A 123 -2.13 11.05 18.35
CA PHE A 123 -3.20 10.65 17.46
C PHE A 123 -2.87 9.35 16.73
N ALA A 124 -1.58 9.07 16.52
CA ALA A 124 -1.21 7.77 15.97
C ALA A 124 -1.57 6.66 16.96
N MET A 125 -1.18 6.81 18.22
CA MET A 125 -1.45 5.78 19.22
C MET A 125 -2.93 5.72 19.60
N LEU A 126 -3.63 6.87 19.52
CA LEU A 126 -5.05 6.88 19.78
C LEU A 126 -5.80 5.89 18.88
N SER A 127 -5.29 5.65 17.67
CA SER A 127 -5.93 4.70 16.77
C SER A 127 -6.04 3.32 17.41
N SER A 128 -5.09 2.95 18.28
CA SER A 128 -5.08 1.62 18.87
C SER A 128 -6.31 1.37 19.74
N VAL A 129 -6.90 2.42 20.32
CA VAL A 129 -8.05 2.28 21.20
C VAL A 129 -9.34 2.70 20.51
N MET A 130 -9.31 2.89 19.20
CA MET A 130 -10.49 3.26 18.44
C MET A 130 -10.93 2.12 17.53
N ASN A 131 -12.25 1.95 17.42
CA ASN A 131 -12.85 1.20 16.32
C ASN A 131 -13.85 2.13 15.63
N LYS A 132 -14.58 1.59 14.65
CA LYS A 132 -15.46 2.45 13.87
C LYS A 132 -16.58 3.04 14.71
N ASP A 133 -16.82 2.51 15.91
CA ASP A 133 -17.96 2.91 16.73
C ASP A 133 -17.62 3.79 17.92
N GLY A 134 -16.36 3.90 18.31
CA GLY A 134 -16.01 4.71 19.45
C GLY A 134 -14.59 4.46 19.90
N MET A 135 -14.27 4.96 21.09
CA MET A 135 -12.91 4.90 21.60
C MET A 135 -12.90 4.57 23.09
N LEU A 136 -11.94 3.75 23.49
CA LEU A 136 -11.75 3.43 24.90
C LEU A 136 -11.26 4.66 25.67
N VAL A 137 -11.77 4.84 26.89
CA VAL A 137 -11.32 5.88 27.79
C VAL A 137 -11.10 5.28 29.17
N ALA A 138 -10.51 6.06 30.05
CA ALA A 138 -10.30 5.68 31.45
C ALA A 138 -9.59 4.33 31.55
N TYR A 139 -8.44 4.26 30.89
CA TYR A 139 -7.59 3.07 30.92
C TYR A 139 -8.34 1.83 30.47
N GLY A 140 -9.14 1.97 29.42
CA GLY A 140 -9.88 0.85 28.87
C GLY A 140 -11.17 0.51 29.58
N ASN A 141 -11.51 1.23 30.65
CA ASN A 141 -12.69 0.93 31.44
C ASN A 141 -13.96 1.56 30.88
N GLY A 142 -13.83 2.59 30.05
CA GLY A 142 -14.97 3.21 29.42
C GLY A 142 -14.89 3.17 27.90
N PHE A 143 -16.01 3.41 27.24
CA PHE A 143 -16.07 3.42 25.79
C PHE A 143 -17.05 4.51 25.38
N ILE A 144 -16.54 5.61 24.82
CA ILE A 144 -17.38 6.72 24.40
C ILE A 144 -17.67 6.58 22.91
N THR A 145 -18.95 6.59 22.55
CA THR A 145 -19.33 6.28 21.17
C THR A 145 -18.99 7.43 20.24
N ARG A 146 -18.65 7.06 19.01
CA ARG A 146 -18.34 8.05 17.98
C ARG A 146 -19.53 8.94 17.69
N GLU A 147 -20.73 8.38 17.74
CA GLU A 147 -21.93 9.17 17.43
C GLU A 147 -22.25 10.16 18.55
N PHE A 148 -22.01 9.77 19.81
CA PHE A 148 -22.23 10.71 20.90
C PHE A 148 -21.29 11.91 20.79
N LEU A 149 -20.05 11.68 20.31
CA LEU A 149 -19.12 12.78 20.14
C LEU A 149 -19.57 13.70 19.01
N LYS A 150 -20.09 13.14 17.92
CA LYS A 150 -20.65 13.96 16.86
C LYS A 150 -21.93 14.66 17.28
N SER A 151 -22.62 14.14 18.29
CA SER A 151 -23.86 14.75 18.75
C SER A 151 -23.63 15.98 19.62
N LEU A 152 -22.44 16.14 20.18
CA LEU A 152 -22.15 17.31 20.99
C LEU A 152 -22.39 18.57 20.17
N ARG A 153 -22.54 19.70 20.86
CA ARG A 153 -22.80 20.95 20.18
C ARG A 153 -21.51 21.51 19.58
N LYS A 154 -21.66 22.21 18.45
CA LYS A 154 -20.50 22.80 17.81
C LYS A 154 -19.82 23.79 18.75
N PRO A 155 -18.49 23.91 18.68
CA PRO A 155 -17.65 23.16 17.74
C PRO A 155 -17.09 21.86 18.31
N PHE A 156 -17.54 21.51 19.52
CA PHE A 156 -16.96 20.36 20.21
C PHE A 156 -17.17 19.06 19.45
N CYS A 157 -18.23 18.98 18.64
CA CYS A 157 -18.48 17.79 17.85
C CYS A 157 -17.51 17.63 16.68
N ASP A 158 -16.72 18.67 16.37
CA ASP A 158 -15.78 18.63 15.27
C ASP A 158 -14.37 18.25 15.69
N ILE A 159 -14.14 17.98 16.98
CA ILE A 159 -12.80 17.73 17.48
C ILE A 159 -12.35 16.31 17.16
N MET A 160 -13.12 15.32 17.60
CA MET A 160 -12.66 13.94 17.56
C MET A 160 -12.90 13.25 16.22
N GLU A 161 -13.93 13.66 15.47
CA GLU A 161 -14.25 12.92 14.24
C GLU A 161 -13.10 12.82 13.25
N PRO A 162 -12.33 13.88 12.99
CA PRO A 162 -11.17 13.72 12.10
C PRO A 162 -10.17 12.70 12.62
N LYS A 163 -10.07 12.55 13.94
CA LYS A 163 -9.14 11.56 14.50
C LYS A 163 -9.65 10.14 14.27
N PHE A 164 -10.98 9.95 14.36
CA PHE A 164 -11.58 8.68 13.98
C PHE A 164 -11.32 8.36 12.52
N ASP A 165 -11.46 9.36 11.64
CA ASP A 165 -11.24 9.15 10.23
C ASP A 165 -9.81 8.68 9.96
N PHE A 166 -8.84 9.35 10.57
CA PHE A 166 -7.45 8.91 10.44
C PHE A 166 -7.27 7.50 10.98
N ALA A 167 -7.81 7.23 12.17
CA ALA A 167 -7.57 5.94 12.83
C ALA A 167 -8.09 4.77 12.00
N MET A 168 -9.24 4.94 11.34
CA MET A 168 -9.81 3.81 10.60
C MET A 168 -8.89 3.40 9.45
N LYS A 169 -8.29 4.37 8.76
CA LYS A 169 -7.35 4.03 7.69
C LYS A 169 -6.02 3.55 8.24
N PHE A 170 -5.57 4.15 9.35
CA PHE A 170 -4.33 3.71 9.98
C PHE A 170 -4.45 2.27 10.48
N ASN A 171 -5.56 1.96 11.16
CA ASN A 171 -5.74 0.60 11.66
C ASN A 171 -5.85 -0.42 10.54
N ALA A 172 -6.26 0.00 9.34
CA ALA A 172 -6.30 -0.93 8.22
C ALA A 172 -4.92 -1.45 7.83
N LEU A 173 -3.86 -0.75 8.25
CA LEU A 173 -2.49 -1.21 7.99
C LEU A 173 -2.09 -2.38 8.87
N GLU A 174 -2.83 -2.66 9.94
N GLU A 174 -2.84 -2.65 9.94
CA GLU A 174 -2.61 -3.85 10.76
CA GLU A 174 -2.62 -3.83 10.79
C GLU A 174 -1.28 -3.83 11.52
C GLU A 174 -1.23 -3.81 11.42
N LEU A 175 -0.82 -2.64 11.91
CA LEU A 175 0.43 -2.56 12.65
C LEU A 175 0.28 -3.21 14.03
N ASP A 176 1.38 -3.75 14.55
CA ASP A 176 1.43 -4.18 15.93
C ASP A 176 2.28 -3.22 16.74
N ASP A 177 2.36 -3.46 18.05
CA ASP A 177 3.07 -2.54 18.94
C ASP A 177 4.54 -2.41 18.55
N SER A 178 5.14 -3.47 18.00
CA SER A 178 6.55 -3.37 17.62
C SER A 178 6.73 -2.38 16.48
N ASP A 179 5.77 -2.32 15.55
CA ASP A 179 5.81 -1.32 14.48
C ASP A 179 5.51 0.07 15.03
N ILE A 180 4.49 0.19 15.87
CA ILE A 180 4.03 1.48 16.34
C ILE A 180 5.11 2.16 17.18
N SER A 181 5.84 1.38 17.98
CA SER A 181 6.90 1.96 18.79
C SER A 181 7.95 2.64 17.93
N LEU A 182 8.38 1.99 16.84
CA LEU A 182 9.36 2.60 15.95
C LEU A 182 8.76 3.76 15.17
N PHE A 183 7.48 3.65 14.81
CA PHE A 183 6.80 4.75 14.13
C PHE A 183 6.73 5.98 15.03
N VAL A 184 6.41 5.78 16.31
CA VAL A 184 6.34 6.92 17.23
C VAL A 184 7.73 7.52 17.42
N ALA A 185 8.76 6.68 17.51
CA ALA A 185 10.11 7.19 17.62
C ALA A 185 10.48 8.03 16.40
N ALA A 186 10.09 7.57 15.21
CA ALA A 186 10.38 8.32 14.00
C ALA A 186 9.68 9.68 14.02
N ILE A 187 8.43 9.69 14.48
CA ILE A 187 7.69 10.95 14.59
C ILE A 187 8.45 11.94 15.45
N ILE A 188 8.92 11.48 16.61
CA ILE A 188 9.59 12.37 17.55
C ILE A 188 10.88 12.94 16.96
N CYS A 189 11.53 12.19 16.07
CA CYS A 189 12.84 12.56 15.55
C CYS A 189 12.79 13.45 14.31
N CYS A 190 11.62 13.94 13.91
CA CYS A 190 11.53 14.71 12.66
C CYS A 190 12.44 15.94 12.71
N GLY A 191 13.43 15.98 11.80
CA GLY A 191 14.35 17.09 11.75
C GLY A 191 13.83 18.35 11.10
N ASP A 192 12.55 18.37 10.74
CA ASP A 192 11.95 19.48 10.02
C ASP A 192 11.17 20.44 10.91
N ARG A 193 11.22 20.24 12.23
CA ARG A 193 10.41 21.07 13.12
C ARG A 193 10.93 22.51 13.13
N PRO A 194 10.03 23.48 13.34
CA PRO A 194 10.46 24.88 13.40
C PRO A 194 11.39 25.15 14.57
N GLY A 195 12.46 25.89 14.30
CA GLY A 195 13.33 26.35 15.36
C GLY A 195 14.34 25.37 15.89
N LEU A 196 14.49 24.20 15.25
CA LEU A 196 15.54 23.28 15.66
C LEU A 196 16.91 23.89 15.39
N LEU A 197 17.80 23.76 16.36
CA LEU A 197 19.15 24.32 16.24
C LEU A 197 20.09 23.39 15.49
N ASN A 198 20.24 22.16 15.97
CA ASN A 198 21.22 21.22 15.43
C ASN A 198 20.53 20.24 14.47
N VAL A 199 20.08 20.80 13.33
CA VAL A 199 19.33 20.03 12.34
C VAL A 199 20.14 18.84 11.85
N GLY A 200 21.39 19.09 11.47
CA GLY A 200 22.23 18.00 10.98
C GLY A 200 22.26 16.81 11.91
N HIS A 201 22.53 17.07 13.20
N HIS A 201 22.49 17.06 13.20
CA HIS A 201 22.59 16.00 14.18
CA HIS A 201 22.60 15.93 14.12
C HIS A 201 21.24 15.28 14.29
C HIS A 201 21.25 15.27 14.37
N ILE A 202 20.16 16.04 14.34
CA ILE A 202 18.84 15.43 14.48
C ILE A 202 18.51 14.58 13.27
N GLU A 203 18.85 15.06 12.06
CA GLU A 203 18.58 14.29 10.87
C GLU A 203 19.33 12.97 10.87
N LYS A 204 20.54 12.94 11.46
N LYS A 204 20.56 12.95 11.42
CA LYS A 204 21.27 11.67 11.54
CA LYS A 204 21.27 11.68 11.56
C LYS A 204 20.64 10.74 12.58
C LYS A 204 20.53 10.76 12.52
N MET A 205 20.10 11.29 13.67
CA MET A 205 19.32 10.50 14.61
C MET A 205 18.08 9.94 13.93
N GLN A 206 17.35 10.79 13.21
CA GLN A 206 16.15 10.36 12.51
C GLN A 206 16.45 9.29 11.47
N GLU A 207 17.53 9.47 10.70
CA GLU A 207 17.88 8.50 9.67
C GLU A 207 18.10 7.11 10.26
N GLY A 208 18.70 7.04 11.45
CA GLY A 208 18.92 5.75 12.07
C GLY A 208 17.63 5.05 12.47
N ILE A 209 16.68 5.81 13.01
CA ILE A 209 15.39 5.25 13.41
C ILE A 209 14.60 4.84 12.18
N VAL A 210 14.55 5.71 11.18
CA VAL A 210 13.76 5.43 9.98
C VAL A 210 14.33 4.23 9.23
N HIS A 211 15.66 4.04 9.29
CA HIS A 211 16.26 2.86 8.69
C HIS A 211 15.77 1.60 9.39
N VAL A 212 15.81 1.60 10.73
CA VAL A 212 15.34 0.43 11.46
C VAL A 212 13.86 0.21 11.22
N LEU A 213 13.08 1.29 11.15
CA LEU A 213 11.65 1.16 10.86
C LEU A 213 11.43 0.45 9.53
N ARG A 214 12.12 0.90 8.48
CA ARG A 214 11.94 0.28 7.17
C ARG A 214 12.26 -1.21 7.20
N LEU A 215 13.45 -1.56 7.72
CA LEU A 215 13.84 -2.97 7.73
C LEU A 215 12.91 -3.80 8.59
N HIS A 216 12.49 -3.25 9.73
CA HIS A 216 11.55 -3.97 10.60
C HIS A 216 10.22 -4.20 9.90
N LEU A 217 9.69 -3.19 9.22
CA LEU A 217 8.43 -3.36 8.50
C LEU A 217 8.58 -4.38 7.37
N GLN A 218 9.73 -4.39 6.69
CA GLN A 218 9.92 -5.36 5.62
C GLN A 218 9.99 -6.77 6.18
N SER A 219 10.52 -6.94 7.38
CA SER A 219 10.61 -8.26 7.99
C SER A 219 9.30 -8.66 8.66
N ASN A 220 8.61 -7.70 9.29
CA ASN A 220 7.43 -8.01 10.08
C ASN A 220 6.16 -8.10 9.22
N HIS A 221 6.13 -7.40 8.09
CA HIS A 221 4.97 -7.39 7.19
C HIS A 221 5.45 -7.63 5.75
N PRO A 222 6.12 -8.75 5.50
CA PRO A 222 6.75 -8.94 4.18
C PRO A 222 5.78 -8.90 3.02
N ASP A 223 4.50 -9.20 3.23
CA ASP A 223 3.54 -9.21 2.14
C ASP A 223 2.96 -7.84 1.83
N ASP A 224 3.12 -6.85 2.72
CA ASP A 224 2.70 -5.48 2.46
C ASP A 224 3.96 -4.71 2.03
N ILE A 225 4.27 -4.82 0.74
CA ILE A 225 5.59 -4.45 0.24
C ILE A 225 5.89 -2.98 0.48
N PHE A 226 4.92 -2.11 0.24
CA PHE A 226 5.13 -0.68 0.38
C PHE A 226 4.57 -0.12 1.68
N LEU A 227 4.51 -0.95 2.73
CA LEU A 227 4.02 -0.47 4.02
C LEU A 227 4.86 0.71 4.53
N PHE A 228 6.16 0.67 4.31
CA PHE A 228 7.00 1.77 4.76
C PHE A 228 6.64 3.07 4.07
N PRO A 229 6.61 3.15 2.74
CA PRO A 229 6.09 4.37 2.09
C PRO A 229 4.70 4.76 2.55
N LYS A 230 3.81 3.79 2.75
CA LYS A 230 2.48 4.11 3.27
C LYS A 230 2.58 4.84 4.60
N LEU A 231 3.52 4.42 5.45
CA LEU A 231 3.65 5.06 6.76
C LEU A 231 4.33 6.42 6.66
N LEU A 232 5.25 6.61 5.72
CA LEU A 232 5.76 7.96 5.48
C LEU A 232 4.62 8.90 5.15
N GLN A 233 3.66 8.46 4.34
N GLN A 233 3.66 8.46 4.33
CA GLN A 233 2.49 9.28 4.04
CA GLN A 233 2.50 9.28 4.05
C GLN A 233 1.65 9.50 5.29
C GLN A 233 1.66 9.51 5.30
N LYS A 234 1.49 8.47 6.12
CA LYS A 234 0.74 8.63 7.36
C LYS A 234 1.39 9.67 8.27
N MET A 235 2.73 9.76 8.26
CA MET A 235 3.38 10.80 9.04
C MET A 235 3.00 12.18 8.53
N ALA A 236 2.98 12.36 7.21
CA ALA A 236 2.54 13.64 6.65
C ALA A 236 1.09 13.92 7.01
N ASP A 237 0.23 12.90 6.93
CA ASP A 237 -1.17 13.09 7.30
C ASP A 237 -1.30 13.55 8.75
N LEU A 238 -0.47 12.98 9.64
CA LEU A 238 -0.55 13.35 11.05
C LEU A 238 -0.12 14.78 11.26
N ARG A 239 0.89 15.25 10.54
CA ARG A 239 1.29 16.65 10.67
C ARG A 239 0.15 17.57 10.27
N GLN A 240 -0.54 17.26 9.18
CA GLN A 240 -1.70 18.04 8.78
C GLN A 240 -2.81 17.92 9.82
N LEU A 241 -3.05 16.71 10.32
CA LEU A 241 -4.10 16.51 11.32
C LEU A 241 -3.84 17.35 12.56
N VAL A 242 -2.58 17.42 12.99
CA VAL A 242 -2.24 18.17 14.20
C VAL A 242 -2.29 19.66 13.92
N THR A 243 -1.81 20.10 12.76
CA THR A 243 -1.91 21.51 12.40
C THR A 243 -3.36 21.98 12.50
N GLU A 244 -4.28 21.19 11.97
CA GLU A 244 -5.70 21.55 12.02
C GLU A 244 -6.25 21.48 13.44
N HIS A 245 -5.87 20.45 14.20
CA HIS A 245 -6.33 20.36 15.58
C HIS A 245 -5.89 21.58 16.38
N ALA A 246 -4.63 21.97 16.26
CA ALA A 246 -4.13 23.14 16.99
C ALA A 246 -4.88 24.40 16.59
N GLN A 247 -5.14 24.57 15.29
CA GLN A 247 -5.91 25.72 14.84
C GLN A 247 -7.31 25.71 15.42
N LEU A 248 -7.95 24.54 15.47
CA LEU A 248 -9.30 24.47 16.01
C LEU A 248 -9.29 24.71 17.52
N VAL A 249 -8.26 24.25 18.22
CA VAL A 249 -8.15 24.52 19.65
C VAL A 249 -8.07 26.02 19.90
N GLN A 250 -7.32 26.74 19.05
CA GLN A 250 -7.21 28.18 19.21
C GLN A 250 -8.57 28.86 19.01
N ILE A 251 -9.29 28.48 17.96
CA ILE A 251 -10.62 29.03 17.74
C ILE A 251 -11.52 28.77 18.95
N ILE A 252 -11.61 27.50 19.37
CA ILE A 252 -12.46 27.16 20.50
C ILE A 252 -12.02 27.90 21.75
N LYS A 253 -10.72 27.95 22.01
CA LYS A 253 -10.23 28.61 23.22
C LYS A 253 -10.62 30.08 23.27
N LYS A 254 -10.71 30.73 22.10
CA LYS A 254 -11.01 32.14 22.06
C LYS A 254 -12.50 32.45 22.08
N THR A 255 -13.34 31.51 21.64
CA THR A 255 -14.78 31.72 21.58
C THR A 255 -15.54 30.81 22.54
N GLU A 256 -14.90 30.44 23.66
CA GLU A 256 -15.52 29.57 24.68
C GLU A 256 -14.93 29.99 26.03
N SER A 257 -15.52 31.02 26.63
CA SER A 257 -14.96 31.64 27.82
C SER A 257 -14.90 30.68 29.01
N ASP A 258 -15.75 29.66 29.05
CA ASP A 258 -15.82 28.76 30.19
C ASP A 258 -15.03 27.47 29.99
N ALA A 259 -14.41 27.28 28.82
CA ALA A 259 -13.49 26.18 28.59
C ALA A 259 -12.07 26.67 28.75
N ALA A 260 -11.27 25.95 29.53
CA ALA A 260 -9.90 26.36 29.85
C ALA A 260 -8.92 25.35 29.27
N LEU A 261 -7.87 25.85 28.63
CA LEU A 261 -6.82 25.00 28.11
C LEU A 261 -5.85 24.65 29.22
N HIS A 262 -5.60 23.35 29.40
CA HIS A 262 -4.73 22.90 30.46
C HIS A 262 -3.39 23.63 30.38
N PRO A 263 -2.81 24.04 31.51
CA PRO A 263 -1.55 24.80 31.46
C PRO A 263 -0.45 24.14 30.65
N LEU A 264 -0.11 22.88 30.93
CA LEU A 264 0.93 22.21 30.16
C LEU A 264 0.60 22.22 28.67
N LEU A 265 -0.66 21.96 28.31
CA LEU A 265 -1.04 21.98 26.92
C LEU A 265 -1.00 23.39 26.34
N GLN A 266 -1.19 24.41 27.18
CA GLN A 266 -1.05 25.79 26.72
C GLN A 266 0.33 26.02 26.09
N GLU A 267 1.38 25.63 26.81
CA GLU A 267 2.74 25.85 26.30
C GLU A 267 2.97 25.07 25.02
N ILE A 268 2.46 23.83 24.94
CA ILE A 268 2.62 23.03 23.74
C ILE A 268 2.05 23.76 22.54
N TYR A 269 0.81 24.24 22.65
CA TYR A 269 0.14 24.89 21.53
C TYR A 269 0.64 26.31 21.30
N ARG A 270 1.36 26.89 22.24
CA ARG A 270 1.81 28.28 22.10
C ARG A 270 2.73 28.42 20.90
N ASP A 271 2.30 29.22 19.92
CA ASP A 271 3.11 29.52 18.74
C ASP A 271 3.44 28.28 17.93
N MET A 272 2.69 27.19 18.11
CA MET A 272 2.98 25.96 17.39
C MET A 272 2.82 26.16 15.88
N TYR A 273 1.59 26.36 15.43
CA TYR A 273 1.31 26.55 14.02
C TYR A 273 0.55 27.86 13.77
N HIS B 3 -20.85 -30.17 -27.94
CA HIS B 3 -20.58 -29.48 -26.69
C HIS B 3 -19.22 -29.87 -26.11
N MET B 4 -19.04 -29.62 -24.82
CA MET B 4 -17.77 -29.90 -24.15
C MET B 4 -17.77 -31.35 -23.69
N THR B 5 -16.90 -32.17 -24.29
CA THR B 5 -16.70 -33.53 -23.82
C THR B 5 -15.86 -33.53 -22.55
N ALA B 6 -15.84 -34.67 -21.86
CA ALA B 6 -15.03 -34.78 -20.65
C ALA B 6 -13.56 -34.50 -20.96
N ASP B 7 -13.07 -34.96 -22.11
CA ASP B 7 -11.67 -34.73 -22.46
C ASP B 7 -11.38 -33.25 -22.70
N LEU B 8 -12.31 -32.53 -23.31
CA LEU B 8 -12.11 -31.10 -23.55
C LEU B 8 -12.20 -30.31 -22.25
N LYS B 9 -13.20 -30.61 -21.41
CA LYS B 9 -13.27 -29.98 -20.10
C LYS B 9 -11.98 -30.20 -19.32
N SER B 10 -11.44 -31.41 -19.37
CA SER B 10 -10.22 -31.71 -18.61
C SER B 10 -9.03 -30.90 -19.12
N LEU B 11 -8.86 -30.80 -20.44
CA LEU B 11 -7.78 -29.99 -20.98
C LEU B 11 -7.90 -28.54 -20.52
N ALA B 12 -9.12 -27.99 -20.57
CA ALA B 12 -9.31 -26.61 -20.13
C ALA B 12 -8.95 -26.44 -18.66
N LYS B 13 -9.32 -27.41 -17.83
CA LYS B 13 -9.02 -27.31 -16.40
C LYS B 13 -7.52 -27.42 -16.14
N ARG B 14 -6.81 -28.25 -16.92
CA ARG B 14 -5.38 -28.40 -16.71
C ARG B 14 -4.61 -27.18 -17.18
N ILE B 15 -5.06 -26.55 -18.28
CA ILE B 15 -4.46 -25.28 -18.68
C ILE B 15 -4.73 -24.21 -17.64
N TYR B 16 -5.97 -24.16 -17.13
CA TYR B 16 -6.31 -23.25 -16.05
C TYR B 16 -5.43 -23.47 -14.83
N GLU B 17 -5.21 -24.74 -14.46
CA GLU B 17 -4.35 -25.03 -13.32
C GLU B 17 -2.93 -24.55 -13.56
N ALA B 18 -2.38 -24.82 -14.75
CA ALA B 18 -1.02 -24.39 -15.04
C ALA B 18 -0.90 -22.87 -14.99
N TYR B 19 -1.94 -22.18 -15.43
CA TYR B 19 -1.96 -20.71 -15.39
C TYR B 19 -1.95 -20.19 -13.96
N LEU B 20 -2.78 -20.76 -13.10
CA LEU B 20 -2.83 -20.31 -11.71
C LEU B 20 -1.53 -20.63 -10.98
N LYS B 21 -0.90 -21.76 -11.29
CA LYS B 21 0.30 -22.15 -10.57
C LYS B 21 1.56 -21.46 -11.09
N ASN B 22 1.53 -20.89 -12.29
CA ASN B 22 2.72 -20.29 -12.86
C ASN B 22 2.75 -18.78 -12.80
N PHE B 23 1.59 -18.11 -12.80
CA PHE B 23 1.55 -16.65 -12.81
C PHE B 23 1.18 -16.15 -11.42
N ASN B 24 2.08 -15.36 -10.83
CA ASN B 24 1.86 -14.88 -9.47
C ASN B 24 0.65 -13.96 -9.37
N MET B 25 0.26 -13.31 -10.45
CA MET B 25 -0.91 -12.45 -10.48
C MET B 25 -1.94 -13.03 -11.44
N ASN B 26 -3.22 -12.91 -11.07
CA ASN B 26 -4.31 -13.33 -11.94
C ASN B 26 -5.46 -12.37 -11.78
N LYS B 27 -6.50 -12.57 -12.59
CA LYS B 27 -7.55 -11.55 -12.69
C LYS B 27 -8.40 -11.51 -11.42
N VAL B 28 -8.68 -12.66 -10.81
CA VAL B 28 -9.49 -12.63 -9.60
C VAL B 28 -8.78 -11.86 -8.50
N LYS B 29 -7.48 -12.08 -8.31
CA LYS B 29 -6.73 -11.33 -7.31
C LYS B 29 -6.71 -9.85 -7.66
N ALA B 30 -6.43 -9.52 -8.92
CA ALA B 30 -6.33 -8.12 -9.32
C ALA B 30 -7.63 -7.38 -9.07
N ARG B 31 -8.76 -7.96 -9.49
CA ARG B 31 -10.04 -7.28 -9.33
C ARG B 31 -10.41 -7.12 -7.86
N VAL B 32 -10.03 -8.07 -7.00
CA VAL B 32 -10.24 -7.91 -5.57
C VAL B 32 -9.51 -6.66 -5.07
N ILE B 33 -8.23 -6.55 -5.42
CA ILE B 33 -7.44 -5.39 -5.00
C ILE B 33 -8.03 -4.10 -5.56
N LEU B 34 -8.28 -4.09 -6.87
CA LEU B 34 -8.75 -2.87 -7.51
C LEU B 34 -10.13 -2.45 -7.00
N SER B 35 -10.94 -3.41 -6.56
CA SER B 35 -12.30 -3.09 -6.13
C SER B 35 -12.34 -2.59 -4.68
N GLY B 36 -11.41 -3.01 -3.84
CA GLY B 36 -11.36 -2.53 -2.48
C GLY B 36 -12.49 -3.02 -1.59
N LYS B 37 -13.09 -4.16 -1.91
CA LYS B 37 -14.15 -4.73 -1.11
C LYS B 37 -13.66 -5.79 -0.12
N ALA B 38 -12.43 -6.27 -0.27
CA ALA B 38 -11.88 -7.28 0.60
C ALA B 38 -10.85 -6.75 1.59
N SER B 39 -10.58 -5.44 1.57
CA SER B 39 -9.59 -4.85 2.46
C SER B 39 -9.57 -3.33 2.33
N ASN B 40 -9.52 -2.62 3.45
CA ASN B 40 -9.39 -1.18 3.45
C ASN B 40 -7.94 -0.73 3.49
N ASN B 41 -7.00 -1.58 3.06
CA ASN B 41 -5.58 -1.27 2.97
C ASN B 41 -5.17 -1.29 1.50
N PRO B 42 -5.41 -0.22 0.76
CA PRO B 42 -5.21 -0.25 -0.69
C PRO B 42 -3.74 -0.24 -1.03
N PRO B 43 -3.39 -0.51 -2.29
CA PRO B 43 -1.99 -0.43 -2.70
C PRO B 43 -1.46 1.00 -2.58
N PHE B 44 -0.14 1.10 -2.41
CA PHE B 44 0.49 2.41 -2.44
C PHE B 44 0.37 3.01 -3.85
N VAL B 45 -0.05 4.27 -3.93
CA VAL B 45 -0.34 4.90 -5.21
C VAL B 45 0.85 5.74 -5.64
N ILE B 46 1.41 5.39 -6.80
CA ILE B 46 2.47 6.16 -7.43
C ILE B 46 1.79 7.03 -8.49
N HIS B 47 1.63 8.33 -8.18
CA HIS B 47 0.95 9.25 -9.07
C HIS B 47 1.79 10.47 -9.44
N ASP B 48 2.97 10.62 -8.87
CA ASP B 48 3.86 11.74 -9.19
C ASP B 48 5.27 11.37 -8.78
N MET B 49 6.21 12.29 -9.03
CA MET B 49 7.62 11.97 -8.77
C MET B 49 7.87 11.75 -7.28
N GLU B 50 7.20 12.51 -6.42
CA GLU B 50 7.43 12.36 -4.98
C GLU B 50 7.02 10.97 -4.51
N THR B 51 5.82 10.52 -4.88
CA THR B 51 5.39 9.19 -4.48
C THR B 51 6.21 8.11 -5.17
N LEU B 52 6.70 8.37 -6.38
CA LEU B 52 7.62 7.43 -7.01
C LEU B 52 8.87 7.24 -6.14
N CYS B 53 9.50 8.35 -5.74
CA CYS B 53 10.70 8.24 -4.92
C CYS B 53 10.40 7.63 -3.55
N MET B 54 9.20 7.86 -3.03
CA MET B 54 8.81 7.20 -1.77
C MET B 54 8.78 5.69 -1.94
N ALA B 55 8.09 5.22 -2.98
CA ALA B 55 8.05 3.78 -3.24
C ALA B 55 9.45 3.23 -3.46
N GLU B 56 10.32 4.01 -4.10
CA GLU B 56 11.67 3.53 -4.39
C GLU B 56 12.52 3.40 -3.14
N LYS B 57 12.13 4.02 -2.03
CA LYS B 57 12.80 3.75 -0.77
C LYS B 57 12.71 2.26 -0.43
N THR B 58 11.58 1.64 -0.74
CA THR B 58 11.42 0.20 -0.56
C THR B 58 12.24 -0.58 -1.56
N LEU B 59 12.42 -0.05 -2.77
CA LEU B 59 13.11 -0.74 -3.86
C LEU B 59 14.61 -0.44 -3.91
N VAL B 60 15.16 0.16 -2.85
CA VAL B 60 16.53 0.68 -2.92
C VAL B 60 17.51 -0.44 -3.25
N ALA B 61 17.33 -1.62 -2.64
CA ALA B 61 18.26 -2.72 -2.89
C ALA B 61 18.22 -3.16 -4.35
N LYS B 62 17.03 -3.26 -4.92
CA LYS B 62 16.89 -3.66 -6.32
C LYS B 62 17.52 -2.63 -7.25
N LEU B 63 17.28 -1.35 -7.01
CA LEU B 63 17.87 -0.31 -7.85
C LEU B 63 19.39 -0.38 -7.80
N VAL B 64 19.96 -0.54 -6.61
CA VAL B 64 21.42 -0.58 -6.48
C VAL B 64 21.99 -1.75 -7.28
N ALA B 65 21.48 -2.96 -7.01
CA ALA B 65 21.99 -4.15 -7.68
C ALA B 65 22.05 -3.99 -9.19
N ASN B 66 21.10 -3.24 -9.76
CA ASN B 66 21.07 -3.00 -11.19
C ASN B 66 21.78 -1.71 -11.59
N GLY B 67 22.38 -1.01 -10.65
CA GLY B 67 23.06 0.24 -10.93
C GLY B 67 22.20 1.26 -11.65
N ILE B 68 20.99 1.50 -11.16
CA ILE B 68 20.10 2.47 -11.78
C ILE B 68 19.60 3.49 -10.76
N GLN B 69 20.13 3.42 -9.53
CA GLN B 69 19.62 4.28 -8.47
C GLN B 69 19.80 5.76 -8.82
N ASN B 70 20.79 6.09 -9.64
CA ASN B 70 21.06 7.48 -10.02
C ASN B 70 20.51 7.85 -11.38
N LYS B 71 19.90 6.92 -12.10
CA LYS B 71 19.38 7.21 -13.42
C LYS B 71 18.18 8.15 -13.32
N GLU B 72 17.77 8.67 -14.47
CA GLU B 72 16.57 9.49 -14.55
C GLU B 72 15.34 8.66 -14.19
N ALA B 73 14.33 9.34 -13.63
CA ALA B 73 13.14 8.65 -13.14
C ALA B 73 12.51 7.76 -14.21
N GLU B 74 12.39 8.28 -15.43
CA GLU B 74 11.82 7.49 -16.52
C GLU B 74 12.59 6.19 -16.71
N VAL B 75 13.92 6.24 -16.60
CA VAL B 75 14.72 5.05 -16.81
C VAL B 75 14.56 4.07 -15.65
N ARG B 76 14.49 4.59 -14.43
CA ARG B 76 14.28 3.72 -13.27
C ARG B 76 12.94 2.99 -13.38
N ILE B 77 11.89 3.71 -13.76
CA ILE B 77 10.56 3.10 -13.86
C ILE B 77 10.58 1.92 -14.83
N PHE B 78 11.10 2.15 -16.04
CA PHE B 78 11.00 1.12 -17.06
C PHE B 78 12.10 0.07 -16.94
N HIS B 79 13.15 0.32 -16.16
CA HIS B 79 14.01 -0.78 -15.77
C HIS B 79 13.27 -1.77 -14.89
N CYS B 80 12.54 -1.27 -13.90
CA CYS B 80 11.72 -2.16 -13.07
C CYS B 80 10.66 -2.86 -13.91
N CYS B 81 10.01 -2.14 -14.82
CA CYS B 81 9.01 -2.77 -15.68
C CYS B 81 9.65 -3.87 -16.53
N GLN B 82 10.88 -3.66 -16.99
CA GLN B 82 11.58 -4.71 -17.72
C GLN B 82 11.80 -5.93 -16.84
N CYS B 83 12.17 -5.72 -15.57
CA CYS B 83 12.35 -6.85 -14.67
C CYS B 83 11.07 -7.66 -14.54
N THR B 84 9.93 -6.98 -14.45
CA THR B 84 8.66 -7.68 -14.39
C THR B 84 8.42 -8.49 -15.66
N SER B 85 8.68 -7.90 -16.83
CA SER B 85 8.53 -8.62 -18.09
C SER B 85 9.39 -9.88 -18.10
N VAL B 86 10.64 -9.77 -17.65
CA VAL B 86 11.52 -10.93 -17.61
C VAL B 86 10.93 -12.03 -16.74
N GLU B 87 10.38 -11.65 -15.58
CA GLU B 87 9.73 -12.64 -14.73
C GLU B 87 8.58 -13.32 -15.45
N THR B 88 7.76 -12.54 -16.17
CA THR B 88 6.61 -13.13 -16.84
C THR B 88 7.04 -14.02 -18.01
N VAL B 89 8.10 -13.65 -18.72
CA VAL B 89 8.64 -14.52 -19.77
C VAL B 89 9.03 -15.87 -19.18
N THR B 90 9.67 -15.86 -18.01
CA THR B 90 10.04 -17.11 -17.36
C THR B 90 8.80 -17.93 -17.02
N GLU B 91 7.79 -17.28 -16.44
CA GLU B 91 6.56 -18.00 -16.10
C GLU B 91 5.87 -18.54 -17.36
N LEU B 92 5.82 -17.73 -18.42
CA LEU B 92 5.21 -18.20 -19.66
C LEU B 92 5.96 -19.40 -20.24
N THR B 93 7.29 -19.40 -20.11
CA THR B 93 8.06 -20.53 -20.63
C THR B 93 7.70 -21.81 -19.90
N GLU B 94 7.52 -21.74 -18.58
CA GLU B 94 7.11 -22.92 -17.81
C GLU B 94 5.64 -23.25 -18.08
N PHE B 95 4.79 -22.23 -18.19
CA PHE B 95 3.38 -22.46 -18.51
C PHE B 95 3.23 -23.23 -19.80
N ALA B 96 4.06 -22.93 -20.81
CA ALA B 96 3.91 -23.54 -22.12
C ALA B 96 4.02 -25.07 -22.06
N LYS B 97 4.74 -25.60 -21.06
CA LYS B 97 4.87 -27.05 -20.94
C LYS B 97 3.53 -27.74 -20.77
N ALA B 98 2.53 -27.04 -20.23
CA ALA B 98 1.21 -27.62 -20.02
C ALA B 98 0.42 -27.75 -21.32
N ILE B 99 0.89 -27.16 -22.41
CA ILE B 99 0.18 -27.24 -23.69
C ILE B 99 0.48 -28.58 -24.33
N PRO B 100 -0.52 -29.42 -24.60
CA PRO B 100 -0.26 -30.73 -25.21
C PRO B 100 0.52 -30.59 -26.51
N GLY B 101 1.72 -31.18 -26.52
CA GLY B 101 2.56 -31.21 -27.70
C GLY B 101 3.68 -30.20 -27.72
N PHE B 102 3.62 -29.18 -26.86
CA PHE B 102 4.63 -28.14 -26.91
C PHE B 102 6.01 -28.69 -26.56
N ALA B 103 6.11 -29.44 -25.45
CA ALA B 103 7.39 -29.98 -25.03
C ALA B 103 7.97 -30.98 -26.02
N ASN B 104 7.12 -31.63 -26.83
CA ASN B 104 7.59 -32.55 -27.85
C ASN B 104 8.09 -31.85 -29.11
N LEU B 105 7.84 -30.55 -29.23
CA LEU B 105 8.30 -29.81 -30.41
C LEU B 105 9.83 -29.70 -30.42
N ASP B 106 10.35 -29.45 -31.62
CA ASP B 106 11.77 -29.18 -31.74
C ASP B 106 12.15 -27.97 -30.89
N LEU B 107 13.33 -28.06 -30.25
CA LEU B 107 13.74 -27.02 -29.32
C LEU B 107 13.68 -25.63 -29.96
N ASN B 108 14.16 -25.52 -31.20
CA ASN B 108 14.17 -24.22 -31.88
C ASN B 108 12.76 -23.74 -32.24
N ASP B 109 11.80 -24.66 -32.41
CA ASP B 109 10.43 -24.23 -32.62
C ASP B 109 9.79 -23.72 -31.34
N GLN B 110 10.09 -24.37 -30.22
CA GLN B 110 9.65 -23.85 -28.92
C GLN B 110 10.16 -22.43 -28.71
N VAL B 111 11.45 -22.21 -28.99
CA VAL B 111 12.03 -20.88 -28.82
C VAL B 111 11.33 -19.87 -29.72
N THR B 112 11.06 -20.24 -30.97
CA THR B 112 10.43 -19.30 -31.90
C THR B 112 9.01 -18.96 -31.45
N LEU B 113 8.24 -19.96 -31.01
CA LEU B 113 6.88 -19.71 -30.56
C LEU B 113 6.86 -18.76 -29.37
N LEU B 114 7.79 -18.93 -28.44
CA LEU B 114 7.84 -18.06 -27.26
C LEU B 114 8.38 -16.68 -27.62
N LYS B 115 9.33 -16.61 -28.55
CA LYS B 115 9.91 -15.32 -28.94
C LYS B 115 8.83 -14.36 -29.43
N TYR B 116 7.93 -14.84 -30.29
CA TYR B 116 6.88 -13.99 -30.83
C TYR B 116 5.63 -13.98 -29.97
N GLY B 117 5.44 -14.98 -29.12
CA GLY B 117 4.21 -15.07 -28.35
C GLY B 117 4.24 -14.40 -26.99
N VAL B 118 5.41 -14.29 -26.37
CA VAL B 118 5.44 -13.89 -24.96
C VAL B 118 4.84 -12.51 -24.76
N TYR B 119 5.19 -11.55 -25.62
CA TYR B 119 4.71 -10.19 -25.38
C TYR B 119 3.24 -10.02 -25.76
N GLU B 120 2.73 -10.81 -26.71
CA GLU B 120 1.29 -10.82 -26.92
C GLU B 120 0.59 -11.30 -25.66
N ALA B 121 1.12 -12.37 -25.04
CA ALA B 121 0.53 -12.86 -23.79
C ALA B 121 0.73 -11.86 -22.66
N ILE B 122 1.87 -11.18 -22.62
CA ILE B 122 2.13 -10.22 -21.55
C ILE B 122 1.11 -9.09 -21.58
N PHE B 123 0.89 -8.51 -22.76
CA PHE B 123 -0.04 -7.39 -22.83
C PHE B 123 -1.48 -7.85 -22.66
N ALA B 124 -1.79 -9.09 -23.05
CA ALA B 124 -3.11 -9.63 -22.76
C ALA B 124 -3.32 -9.76 -21.26
N MET B 125 -2.37 -10.39 -20.57
CA MET B 125 -2.52 -10.57 -19.13
C MET B 125 -2.39 -9.25 -18.38
N LEU B 126 -1.61 -8.30 -18.91
CA LEU B 126 -1.48 -7.00 -18.29
C LEU B 126 -2.84 -6.32 -18.13
N SER B 127 -3.76 -6.56 -19.06
CA SER B 127 -5.09 -5.97 -18.93
C SER B 127 -5.74 -6.32 -17.61
N SER B 128 -5.46 -7.51 -17.08
CA SER B 128 -6.07 -7.94 -15.83
C SER B 128 -5.76 -7.01 -14.67
N VAL B 129 -4.58 -6.38 -14.67
CA VAL B 129 -4.17 -5.52 -13.57
C VAL B 129 -4.34 -4.05 -13.91
N MET B 130 -5.03 -3.73 -15.00
CA MET B 130 -5.29 -2.36 -15.41
C MET B 130 -6.74 -1.99 -15.22
N ASN B 131 -6.99 -0.74 -14.83
CA ASN B 131 -8.28 -0.11 -15.02
C ASN B 131 -8.05 1.23 -15.70
N LYS B 132 -9.12 2.00 -15.89
CA LYS B 132 -9.00 3.23 -16.66
C LYS B 132 -8.04 4.23 -16.04
N ASP B 133 -7.68 4.06 -14.77
CA ASP B 133 -6.88 5.05 -14.05
C ASP B 133 -5.45 4.63 -13.77
N GLY B 134 -5.09 3.36 -13.95
CA GLY B 134 -3.73 2.94 -13.66
C GLY B 134 -3.60 1.43 -13.70
N MET B 135 -2.45 0.96 -13.21
CA MET B 135 -2.16 -0.46 -13.25
C MET B 135 -1.44 -0.89 -11.98
N LEU B 136 -1.73 -2.12 -11.55
CA LEU B 136 -1.08 -2.66 -10.36
C LEU B 136 0.35 -3.06 -10.68
N VAL B 137 1.27 -2.80 -9.75
CA VAL B 137 2.66 -3.21 -9.86
C VAL B 137 3.08 -3.87 -8.56
N ALA B 138 4.24 -4.51 -8.59
CA ALA B 138 4.83 -5.17 -7.42
C ALA B 138 3.83 -6.14 -6.79
N TYR B 139 3.40 -7.12 -7.60
CA TYR B 139 2.50 -8.17 -7.14
C TYR B 139 1.26 -7.59 -6.46
N GLY B 140 0.72 -6.52 -7.04
CA GLY B 140 -0.50 -5.92 -6.54
C GLY B 140 -0.35 -4.98 -5.37
N ASN B 141 0.88 -4.73 -4.92
CA ASN B 141 1.11 -3.87 -3.76
C ASN B 141 1.21 -2.39 -4.11
N GLY B 142 1.45 -2.06 -5.38
CA GLY B 142 1.48 -0.68 -5.81
C GLY B 142 0.52 -0.46 -6.96
N PHE B 143 0.20 0.81 -7.17
CA PHE B 143 -0.70 1.23 -8.25
C PHE B 143 -0.10 2.48 -8.88
N ILE B 144 0.36 2.38 -10.12
CA ILE B 144 0.92 3.52 -10.84
C ILE B 144 -0.15 4.07 -11.76
N THR B 145 -0.38 5.38 -11.66
CA THR B 145 -1.51 5.98 -12.35
C THR B 145 -1.20 6.18 -13.83
N ARG B 146 -2.25 6.04 -14.64
CA ARG B 146 -2.13 6.25 -16.08
C ARG B 146 -1.65 7.66 -16.40
N GLU B 147 -2.16 8.65 -15.66
CA GLU B 147 -1.77 10.04 -15.93
C GLU B 147 -0.31 10.29 -15.61
N PHE B 148 0.20 9.70 -14.53
CA PHE B 148 1.62 9.84 -14.23
C PHE B 148 2.48 9.30 -15.36
N LEU B 149 2.10 8.15 -15.92
CA LEU B 149 2.85 7.62 -17.06
C LEU B 149 2.74 8.55 -18.26
N LYS B 150 1.55 9.10 -18.50
CA LYS B 150 1.39 10.09 -19.57
C LYS B 150 2.24 11.33 -19.31
N SER B 151 2.52 11.63 -18.04
CA SER B 151 3.25 12.85 -17.67
C SER B 151 4.75 12.72 -17.85
N LEU B 152 5.27 11.49 -18.02
CA LEU B 152 6.70 11.34 -18.22
C LEU B 152 7.13 12.06 -19.49
N ARG B 153 8.42 12.35 -19.58
CA ARG B 153 8.94 13.02 -20.76
C ARG B 153 8.97 12.06 -21.94
N LYS B 154 8.77 12.60 -23.13
CA LYS B 154 8.92 11.80 -24.33
C LYS B 154 10.33 11.22 -24.38
N PRO B 155 10.50 9.99 -24.90
CA PRO B 155 9.42 9.17 -25.49
C PRO B 155 8.74 8.24 -24.48
N PHE B 156 9.12 8.33 -23.21
CA PHE B 156 8.68 7.34 -22.23
C PHE B 156 7.19 7.41 -21.97
N CYS B 157 6.58 8.58 -22.14
CA CYS B 157 5.13 8.70 -21.95
C CYS B 157 4.32 8.00 -23.02
N ASP B 158 4.94 7.55 -24.11
CA ASP B 158 4.26 6.90 -25.21
C ASP B 158 4.35 5.37 -25.14
N ILE B 159 4.91 4.83 -24.07
CA ILE B 159 5.12 3.38 -24.00
C ILE B 159 3.85 2.66 -23.55
N MET B 160 3.28 3.08 -22.42
CA MET B 160 2.22 2.29 -21.80
C MET B 160 0.82 2.68 -22.27
N GLU B 161 0.60 3.92 -22.67
CA GLU B 161 -0.75 4.35 -23.04
C GLU B 161 -1.41 3.46 -24.07
N PRO B 162 -0.74 3.02 -25.15
CA PRO B 162 -1.39 2.10 -26.09
C PRO B 162 -1.81 0.80 -25.43
N LYS B 163 -1.09 0.35 -24.39
CA LYS B 163 -1.50 -0.87 -23.70
C LYS B 163 -2.72 -0.64 -22.84
N PHE B 164 -2.82 0.52 -22.19
CA PHE B 164 -4.08 0.89 -21.53
C PHE B 164 -5.24 0.89 -22.52
N ASP B 165 -5.03 1.51 -23.69
CA ASP B 165 -6.08 1.54 -24.70
C ASP B 165 -6.55 0.15 -25.06
N PHE B 166 -5.62 -0.75 -25.36
CA PHE B 166 -6.00 -2.13 -25.66
C PHE B 166 -6.73 -2.76 -24.48
N ALA B 167 -6.22 -2.54 -23.27
CA ALA B 167 -6.75 -3.24 -22.10
C ALA B 167 -8.19 -2.83 -21.81
N MET B 168 -8.54 -1.54 -22.01
CA MET B 168 -9.88 -1.09 -21.68
C MET B 168 -10.93 -1.80 -22.54
N LYS B 169 -10.63 -1.97 -23.83
CA LYS B 169 -11.55 -2.69 -24.70
C LYS B 169 -11.50 -4.19 -24.43
N PHE B 170 -10.31 -4.73 -24.15
CA PHE B 170 -10.18 -6.14 -23.81
C PHE B 170 -10.96 -6.47 -22.55
N ASN B 171 -10.84 -5.63 -21.51
CA ASN B 171 -11.54 -5.89 -20.26
C ASN B 171 -13.05 -5.80 -20.43
N ALA B 172 -13.52 -5.05 -21.43
CA ALA B 172 -14.96 -4.96 -21.68
C ALA B 172 -15.54 -6.31 -22.10
N LEU B 173 -14.70 -7.24 -22.56
CA LEU B 173 -15.16 -8.58 -22.89
C LEU B 173 -15.47 -9.41 -21.64
N GLU B 174 -15.05 -8.96 -20.46
N GLU B 174 -15.06 -8.95 -20.46
CA GLU B 174 -15.40 -9.59 -19.19
CA GLU B 174 -15.41 -9.60 -19.19
C GLU B 174 -14.92 -11.05 -19.14
C GLU B 174 -14.92 -11.05 -19.14
N LEU B 175 -13.70 -11.28 -19.62
CA LEU B 175 -13.11 -12.61 -19.51
C LEU B 175 -12.75 -12.92 -18.06
N ASP B 176 -12.73 -14.21 -17.74
CA ASP B 176 -12.22 -14.66 -16.45
C ASP B 176 -10.95 -15.47 -16.67
N ASP B 177 -10.35 -15.92 -15.56
CA ASP B 177 -9.06 -16.60 -15.66
C ASP B 177 -9.16 -17.90 -16.45
N SER B 178 -10.28 -18.61 -16.35
CA SER B 178 -10.44 -19.82 -17.15
C SER B 178 -10.37 -19.49 -18.64
N ASP B 179 -10.93 -18.34 -19.04
CA ASP B 179 -10.83 -17.93 -20.43
C ASP B 179 -9.41 -17.50 -20.78
N ILE B 180 -8.82 -16.65 -19.93
CA ILE B 180 -7.52 -16.05 -20.24
C ILE B 180 -6.46 -17.13 -20.36
N SER B 181 -6.53 -18.16 -19.50
CA SER B 181 -5.53 -19.21 -19.57
C SER B 181 -5.51 -19.88 -20.93
N LEU B 182 -6.68 -20.15 -21.49
CA LEU B 182 -6.74 -20.77 -22.82
C LEU B 182 -6.35 -19.78 -23.91
N PHE B 183 -6.71 -18.51 -23.73
CA PHE B 183 -6.31 -17.48 -24.69
C PHE B 183 -4.79 -17.36 -24.77
N VAL B 184 -4.12 -17.36 -23.63
CA VAL B 184 -2.66 -17.27 -23.62
C VAL B 184 -2.05 -18.49 -24.29
N ALA B 185 -2.58 -19.68 -24.00
CA ALA B 185 -2.09 -20.88 -24.68
C ALA B 185 -2.26 -20.77 -26.18
N ALA B 186 -3.42 -20.27 -26.63
CA ALA B 186 -3.64 -20.10 -28.06
C ALA B 186 -2.66 -19.11 -28.67
N ILE B 187 -2.36 -18.04 -27.94
CA ILE B 187 -1.37 -17.09 -28.42
C ILE B 187 -0.05 -17.79 -28.70
N ILE B 188 0.37 -18.66 -27.79
CA ILE B 188 1.66 -19.32 -27.94
C ILE B 188 1.66 -20.30 -29.10
N CYS B 189 0.51 -20.93 -29.37
CA CYS B 189 0.40 -21.97 -30.39
C CYS B 189 0.24 -21.43 -31.81
N CYS B 190 0.42 -20.14 -32.05
CA CYS B 190 0.25 -19.60 -33.40
C CYS B 190 1.22 -20.27 -34.36
N GLY B 191 0.68 -20.87 -35.41
CA GLY B 191 1.47 -21.61 -36.37
C GLY B 191 2.07 -20.80 -37.49
N ASP B 192 1.80 -19.50 -37.54
CA ASP B 192 2.31 -18.64 -38.61
C ASP B 192 3.40 -17.68 -38.12
N ARG B 193 4.16 -18.08 -37.11
CA ARG B 193 5.32 -17.30 -36.71
C ARG B 193 6.44 -17.50 -37.73
N PRO B 194 7.26 -16.47 -37.96
CA PRO B 194 8.36 -16.62 -38.91
C PRO B 194 9.41 -17.62 -38.44
N GLY B 195 10.06 -18.27 -39.40
CA GLY B 195 11.21 -19.10 -39.10
C GLY B 195 10.90 -20.45 -38.47
N LEU B 196 9.63 -20.82 -38.35
CA LEU B 196 9.31 -22.13 -37.81
C LEU B 196 9.73 -23.24 -38.77
N LEU B 197 9.98 -24.42 -38.20
CA LEU B 197 10.47 -25.56 -38.96
C LEU B 197 9.40 -26.61 -39.22
N ASN B 198 8.71 -27.07 -38.18
CA ASN B 198 7.71 -28.12 -38.30
C ASN B 198 6.31 -27.51 -38.14
N VAL B 199 5.91 -26.72 -39.13
CA VAL B 199 4.64 -26.01 -39.07
C VAL B 199 3.48 -26.99 -38.92
N GLY B 200 3.56 -28.14 -39.58
CA GLY B 200 2.51 -29.13 -39.46
C GLY B 200 2.25 -29.53 -38.02
N HIS B 201 3.32 -29.89 -37.31
CA HIS B 201 3.18 -30.27 -35.90
C HIS B 201 2.57 -29.14 -35.09
N ILE B 202 3.01 -27.90 -35.35
CA ILE B 202 2.51 -26.76 -34.59
C ILE B 202 1.04 -26.52 -34.87
N GLU B 203 0.63 -26.66 -36.14
CA GLU B 203 -0.77 -26.44 -36.48
C GLU B 203 -1.67 -27.48 -35.84
N LYS B 204 -1.20 -28.72 -35.73
CA LYS B 204 -1.97 -29.74 -35.02
C LYS B 204 -2.16 -29.34 -33.56
N MET B 205 -1.07 -29.02 -32.87
CA MET B 205 -1.16 -28.57 -31.49
C MET B 205 -2.10 -27.37 -31.36
N GLN B 206 -2.07 -26.46 -32.35
CA GLN B 206 -2.88 -25.26 -32.30
C GLN B 206 -4.37 -25.58 -32.36
N GLU B 207 -4.76 -26.41 -33.34
N GLU B 207 -4.76 -26.43 -33.31
CA GLU B 207 -6.15 -26.81 -33.46
CA GLU B 207 -6.18 -26.76 -33.44
C GLU B 207 -6.72 -27.27 -32.12
C GLU B 207 -6.75 -27.30 -32.14
N GLY B 208 -5.98 -28.13 -31.42
CA GLY B 208 -6.48 -28.65 -30.16
C GLY B 208 -6.77 -27.55 -29.15
N ILE B 209 -5.88 -26.57 -29.05
CA ILE B 209 -6.10 -25.47 -28.12
C ILE B 209 -7.22 -24.57 -28.60
N VAL B 210 -7.19 -24.17 -29.87
CA VAL B 210 -8.21 -23.27 -30.41
C VAL B 210 -9.58 -23.91 -30.34
N HIS B 211 -9.65 -25.23 -30.51
CA HIS B 211 -10.93 -25.92 -30.42
C HIS B 211 -11.49 -25.86 -28.99
N VAL B 212 -10.66 -26.17 -28.00
CA VAL B 212 -11.13 -26.09 -26.62
C VAL B 212 -11.42 -24.64 -26.24
N LEU B 213 -10.66 -23.68 -26.77
CA LEU B 213 -10.93 -22.28 -26.48
C LEU B 213 -12.32 -21.88 -26.95
N ARG B 214 -12.64 -22.16 -28.22
CA ARG B 214 -13.95 -21.80 -28.75
C ARG B 214 -15.07 -22.44 -27.95
N LEU B 215 -15.00 -23.77 -27.77
CA LEU B 215 -16.06 -24.46 -27.06
C LEU B 215 -16.17 -23.99 -25.62
N HIS B 216 -15.02 -23.71 -24.98
CA HIS B 216 -15.06 -23.18 -23.62
C HIS B 216 -15.77 -21.84 -23.58
N LEU B 217 -15.44 -20.94 -24.50
CA LEU B 217 -16.11 -19.64 -24.53
C LEU B 217 -17.60 -19.77 -24.77
N GLN B 218 -18.00 -20.68 -25.66
CA GLN B 218 -19.42 -20.89 -25.91
C GLN B 218 -20.13 -21.41 -24.67
N SER B 219 -19.44 -22.22 -23.86
CA SER B 219 -20.04 -22.73 -22.63
C SER B 219 -20.02 -21.68 -21.53
N ASN B 220 -18.91 -20.96 -21.39
CA ASN B 220 -18.73 -20.05 -20.26
C ASN B 220 -19.42 -18.70 -20.49
N HIS B 221 -19.55 -18.28 -21.74
CA HIS B 221 -20.19 -17.00 -22.09
C HIS B 221 -21.22 -17.24 -23.18
N PRO B 222 -22.25 -18.04 -22.88
CA PRO B 222 -23.20 -18.42 -23.94
C PRO B 222 -23.92 -17.25 -24.57
N ASP B 223 -24.14 -16.16 -23.82
CA ASP B 223 -24.88 -15.03 -24.35
C ASP B 223 -24.04 -14.11 -25.23
N ASP B 224 -22.72 -14.12 -25.08
CA ASP B 224 -21.84 -13.37 -25.97
C ASP B 224 -21.47 -14.29 -27.13
N ILE B 225 -22.37 -14.35 -28.12
CA ILE B 225 -22.35 -15.43 -29.11
C ILE B 225 -21.02 -15.45 -29.86
N PHE B 226 -20.56 -14.28 -30.32
CA PHE B 226 -19.33 -14.19 -31.11
C PHE B 226 -18.12 -13.82 -30.27
N LEU B 227 -18.09 -14.23 -29.00
CA LEU B 227 -16.93 -13.91 -28.17
C LEU B 227 -15.66 -14.51 -28.75
N PHE B 228 -15.73 -15.74 -29.27
CA PHE B 228 -14.55 -16.35 -29.88
C PHE B 228 -14.05 -15.54 -31.05
N PRO B 229 -14.87 -15.17 -32.03
CA PRO B 229 -14.37 -14.28 -33.11
C PRO B 229 -13.83 -12.97 -32.59
N LYS B 230 -14.46 -12.36 -31.59
CA LYS B 230 -13.91 -11.14 -31.00
C LYS B 230 -12.50 -11.37 -30.48
N LEU B 231 -12.26 -12.53 -29.86
CA LEU B 231 -10.94 -12.83 -29.32
C LEU B 231 -9.95 -13.18 -30.42
N LEU B 232 -10.41 -13.76 -31.52
CA LEU B 232 -9.52 -13.92 -32.67
C LEU B 232 -9.03 -12.56 -33.16
N GLN B 233 -9.91 -11.56 -33.18
N GLN B 233 -9.92 -11.56 -33.19
CA GLN B 233 -9.49 -10.22 -33.56
CA GLN B 233 -9.49 -10.22 -33.56
C GLN B 233 -8.54 -9.62 -32.54
C GLN B 233 -8.53 -9.63 -32.53
N LYS B 234 -8.82 -9.83 -31.24
CA LYS B 234 -7.92 -9.34 -30.22
C LYS B 234 -6.53 -9.94 -30.36
N MET B 235 -6.45 -11.20 -30.80
CA MET B 235 -5.14 -11.80 -31.05
C MET B 235 -4.41 -11.05 -32.16
N ALA B 236 -5.12 -10.69 -33.23
CA ALA B 236 -4.51 -9.89 -34.29
C ALA B 236 -4.13 -8.52 -33.78
N ASP B 237 -4.98 -7.89 -32.96
CA ASP B 237 -4.64 -6.61 -32.36
C ASP B 237 -3.36 -6.70 -31.55
N LEU B 238 -3.21 -7.78 -30.78
CA LEU B 238 -2.03 -7.93 -29.93
C LEU B 238 -0.76 -8.07 -30.75
N ARG B 239 -0.83 -8.81 -31.87
CA ARG B 239 0.34 -8.92 -32.74
C ARG B 239 0.75 -7.55 -33.26
N GLN B 240 -0.23 -6.72 -33.65
CA GLN B 240 0.09 -5.37 -34.10
C GLN B 240 0.58 -4.50 -32.94
N LEU B 241 -0.03 -4.66 -31.76
CA LEU B 241 0.43 -3.92 -30.60
C LEU B 241 1.88 -4.25 -30.28
N VAL B 242 2.25 -5.52 -30.39
CA VAL B 242 3.62 -5.92 -30.08
C VAL B 242 4.58 -5.46 -31.18
N THR B 243 4.15 -5.57 -32.43
CA THR B 243 4.98 -5.08 -33.53
C THR B 243 5.34 -3.62 -33.32
N GLU B 244 4.35 -2.79 -32.97
CA GLU B 244 4.61 -1.38 -32.73
C GLU B 244 5.43 -1.17 -31.46
N HIS B 245 5.23 -2.01 -30.44
CA HIS B 245 6.01 -1.88 -29.22
C HIS B 245 7.48 -2.18 -29.47
N ALA B 246 7.76 -3.27 -30.19
CA ALA B 246 9.15 -3.61 -30.50
C ALA B 246 9.83 -2.50 -31.29
N GLN B 247 9.09 -1.87 -32.22
CA GLN B 247 9.67 -0.77 -32.98
C GLN B 247 10.00 0.42 -32.09
N LEU B 248 9.08 0.79 -31.21
CA LEU B 248 9.35 1.89 -30.27
C LEU B 248 10.51 1.56 -29.36
N VAL B 249 10.61 0.31 -28.89
CA VAL B 249 11.70 -0.08 -28.01
C VAL B 249 13.04 0.13 -28.70
N GLN B 250 13.15 -0.32 -29.95
CA GLN B 250 14.41 -0.16 -30.68
C GLN B 250 14.77 1.31 -30.84
N ILE B 251 13.78 2.16 -31.09
CA ILE B 251 14.05 3.59 -31.27
C ILE B 251 14.50 4.22 -29.95
N ILE B 252 13.77 3.95 -28.87
CA ILE B 252 14.16 4.47 -27.57
C ILE B 252 15.56 4.01 -27.20
N LYS B 253 15.84 2.72 -27.42
CA LYS B 253 17.16 2.19 -27.11
C LYS B 253 18.26 2.95 -27.83
N LYS B 254 17.96 3.50 -29.01
CA LYS B 254 18.96 4.23 -29.77
C LYS B 254 19.07 5.69 -29.35
N THR B 255 17.97 6.29 -28.89
CA THR B 255 17.94 7.71 -28.57
C THR B 255 18.10 7.99 -27.07
N GLU B 256 18.18 6.96 -26.23
CA GLU B 256 18.28 7.11 -24.78
C GLU B 256 19.49 6.30 -24.31
N SER B 257 20.67 6.92 -24.37
CA SER B 257 21.91 6.20 -24.10
C SER B 257 21.99 5.71 -22.66
N ASP B 258 21.37 6.43 -21.72
CA ASP B 258 21.45 6.03 -20.32
C ASP B 258 20.50 4.90 -19.96
N ALA B 259 19.63 4.48 -20.89
CA ALA B 259 18.72 3.37 -20.66
C ALA B 259 19.33 2.09 -21.24
N ALA B 260 19.09 0.98 -20.56
CA ALA B 260 19.62 -0.32 -20.97
C ALA B 260 18.47 -1.28 -21.22
N LEU B 261 18.59 -2.06 -22.29
CA LEU B 261 17.64 -3.12 -22.58
C LEU B 261 18.15 -4.42 -21.95
N HIS B 262 17.33 -5.03 -21.11
CA HIS B 262 17.73 -6.24 -20.42
C HIS B 262 18.22 -7.28 -21.42
N PRO B 263 19.28 -8.02 -21.10
CA PRO B 263 19.83 -8.97 -22.09
C PRO B 263 18.82 -10.01 -22.56
N LEU B 264 17.98 -10.53 -21.65
CA LEU B 264 16.97 -11.49 -22.08
C LEU B 264 16.00 -10.87 -23.07
N LEU B 265 15.54 -9.65 -22.80
CA LEU B 265 14.61 -8.99 -23.71
C LEU B 265 15.29 -8.60 -25.02
N GLN B 266 16.59 -8.32 -24.96
CA GLN B 266 17.31 -7.98 -26.19
C GLN B 266 17.20 -9.11 -27.21
N GLU B 267 17.43 -10.34 -26.77
CA GLU B 267 17.34 -11.48 -27.68
C GLU B 267 15.91 -11.66 -28.20
N ILE B 268 14.92 -11.46 -27.33
CA ILE B 268 13.53 -11.57 -27.77
C ILE B 268 13.26 -10.62 -28.92
N TYR B 269 13.68 -9.36 -28.78
CA TYR B 269 13.41 -8.36 -29.80
C TYR B 269 14.36 -8.44 -30.98
N ARG B 270 15.48 -9.14 -30.83
CA ARG B 270 16.47 -9.20 -31.91
C ARG B 270 15.86 -9.83 -33.15
N ASP B 271 15.87 -9.08 -34.26
CA ASP B 271 15.36 -9.56 -35.54
C ASP B 271 13.91 -10.02 -35.44
N MET B 272 13.15 -9.47 -34.50
CA MET B 272 11.76 -9.87 -34.34
C MET B 272 10.91 -9.37 -35.51
N TYR B 273 10.69 -8.06 -35.57
CA TYR B 273 9.95 -7.47 -36.68
C TYR B 273 10.80 -6.44 -37.41
#